data_4PLX
#
_entry.id   4PLX
#
_cell.length_a   162.820
_cell.length_b   162.820
_cell.length_c   65.930
_cell.angle_alpha   90.00
_cell.angle_beta   90.00
_cell.angle_gamma   120.00
#
_symmetry.space_group_name_H-M   'P 32 2 1'
#
loop_
_entity.id
_entity.type
_entity.pdbx_description
1 polymer 'Core ENE hairpin and A-rich tract from MALAT1'
2 water water
#
_entity_poly.entity_id   1
_entity_poly.type   'polyribonucleotide'
_entity_poly.pdbx_seq_one_letter_code
;(GTP)GAAGGUUUUUCUUUUCCUGAGGCGAAAGUCUCAGGUUUUGCUUUUUGGCCUUUCUUAAAAAAAAAAAAAGCAAA
(A23)
;
_entity_poly.pdbx_strand_id   A,B,C
#
loop_
_chem_comp.id
_chem_comp.type
_chem_comp.name
_chem_comp.formula
A RNA linking ADENOSINE-5'-MONOPHOSPHATE 'C10 H14 N5 O7 P'
A23 RNA linking 'ADENOSINE-5'-PHOSPHATE-2',3'-CYCLIC PHOSPHATE' 'C10 H13 N5 O9 P2'
C RNA linking CYTIDINE-5'-MONOPHOSPHATE 'C9 H14 N3 O8 P'
G RNA linking GUANOSINE-5'-MONOPHOSPHATE 'C10 H14 N5 O8 P'
GTP non-polymer GUANOSINE-5'-TRIPHOSPHATE 'C10 H16 N5 O14 P3'
U RNA linking URIDINE-5'-MONOPHOSPHATE 'C9 H13 N2 O9 P'
#
# COMPACT_ATOMS: atom_id res chain seq x y z
PG GTP A 1 -35.58 53.76 33.54
O1G GTP A 1 -36.99 53.71 34.08
O2G GTP A 1 -35.51 53.88 32.04
O3G GTP A 1 -34.66 52.69 34.12
O3B GTP A 1 -35.01 55.20 34.09
PB GTP A 1 -33.79 56.01 33.37
O1B GTP A 1 -34.32 56.60 32.08
O2B GTP A 1 -33.17 56.94 34.40
O3A GTP A 1 -32.76 54.77 33.03
PA GTP A 1 -31.15 54.85 33.27
O1A GTP A 1 -30.54 55.52 32.01
O2A GTP A 1 -30.87 55.45 34.62
O5' GTP A 1 -30.69 53.30 33.31
C5' GTP A 1 -30.85 52.52 34.51
C4' GTP A 1 -29.55 51.83 34.92
O4' GTP A 1 -28.47 52.81 35.03
C3' GTP A 1 -29.64 51.19 36.34
O3' GTP A 1 -28.90 49.92 36.43
C2' GTP A 1 -28.89 52.15 37.19
O2' GTP A 1 -28.46 51.53 38.40
C1' GTP A 1 -27.77 52.43 36.22
N9 GTP A 1 -26.61 53.32 36.63
C8 GTP A 1 -25.32 52.80 36.85
N7 GTP A 1 -24.45 53.80 37.12
C5 GTP A 1 -25.13 54.94 37.03
C6 GTP A 1 -24.74 56.32 37.20
O6 GTP A 1 -23.56 56.61 37.50
N1 GTP A 1 -25.68 57.27 37.02
C2 GTP A 1 -26.98 56.93 36.68
N2 GTP A 1 -27.89 57.94 36.53
N3 GTP A 1 -27.38 55.62 36.51
C4 GTP A 1 -26.52 54.62 36.67
PC A23 A 76 -1.10 25.48 8.88
O1C A23 A 76 -1.69 26.77 8.00
O2C A23 A 76 0.51 25.14 8.49
P A23 A 76 -4.97 20.12 11.57
OP1 A23 A 76 -3.84 20.06 12.80
OP2 A23 A 76 -4.92 18.60 10.84
O5' A23 A 76 -4.37 21.23 10.42
C5' A23 A 76 -3.89 22.26 11.18
C4' A23 A 76 -3.70 23.50 10.39
O4' A23 A 76 -3.96 24.58 11.32
C3' A23 A 76 -2.22 23.60 9.99
O3' A23 A 76 -2.04 24.14 8.67
C2' A23 A 76 -1.62 24.51 11.09
O2' A23 A 76 -1.22 25.77 10.52
C1' A23 A 76 -2.77 24.60 12.03
N9 A23 A 76 -2.66 25.04 13.43
C8 A23 A 76 -3.03 24.25 14.46
N7 A23 A 76 -2.71 24.85 15.62
C5 A23 A 76 -2.11 25.99 15.32
C6 A23 A 76 -1.57 26.96 16.12
N6 A23 A 76 -1.63 26.84 17.46
N1 A23 A 76 -1.01 28.05 15.55
C2 A23 A 76 -0.97 28.17 14.21
N3 A23 A 76 -1.49 27.21 13.41
C4 A23 A 76 -2.05 26.11 13.94
PG GTP B 1 10.15 -17.06 -6.81
O1G GTP B 1 8.64 -17.13 -6.76
O2G GTP B 1 10.75 -16.01 -5.91
O3G GTP B 1 10.72 -17.08 -8.21
O3B GTP B 1 10.63 -18.46 -6.16
PB GTP B 1 10.27 -19.89 -6.82
O1B GTP B 1 8.75 -20.02 -6.89
O2B GTP B 1 11.09 -20.08 -8.08
O3A GTP B 1 10.79 -20.94 -5.69
PA GTP B 1 11.07 -22.50 -6.03
O1A GTP B 1 10.56 -23.32 -4.87
O2A GTP B 1 10.56 -22.80 -7.42
O5' GTP B 1 12.69 -22.60 -6.02
C5' GTP B 1 13.53 -21.51 -6.47
C4' GTP B 1 14.64 -21.26 -5.44
O4' GTP B 1 15.89 -20.98 -6.11
C3' GTP B 1 14.36 -20.05 -4.56
O3' GTP B 1 13.76 -20.39 -3.29
C2' GTP B 1 15.70 -19.40 -4.35
O2' GTP B 1 16.19 -19.66 -3.02
C1' GTP B 1 16.64 -19.98 -5.36
N9 GTP B 1 17.15 -18.89 -6.24
C8 GTP B 1 18.34 -18.23 -6.07
N7 GTP B 1 18.47 -17.26 -7.04
C5 GTP B 1 17.38 -17.30 -7.81
C6 GTP B 1 16.91 -16.55 -8.98
O6 GTP B 1 17.61 -15.64 -9.48
N1 GTP B 1 15.71 -16.87 -9.52
C2 GTP B 1 14.93 -17.87 -8.98
N2 GTP B 1 13.74 -18.15 -9.56
N3 GTP B 1 15.33 -18.59 -7.88
C4 GTP B 1 16.52 -18.35 -7.28
PC A23 B 76 -22.69 6.88 10.16
O1C A23 B 76 -22.11 7.93 9.00
O2C A23 B 76 -24.32 6.55 9.87
P A23 B 76 -17.79 9.75 13.32
OP1 A23 B 76 -17.54 10.40 14.85
OP2 A23 B 76 -19.00 10.66 12.54
O5' A23 B 76 -18.27 8.12 13.50
C5' A23 B 76 -19.67 8.01 13.52
C4' A23 B 76 -20.16 7.52 12.18
O4' A23 B 76 -19.20 6.66 11.61
C3' A23 B 76 -21.45 6.76 12.31
O3' A23 B 76 -22.52 7.51 11.67
C2' A23 B 76 -21.19 5.42 11.64
O2' A23 B 76 -21.77 5.44 10.29
C1' A23 B 76 -19.68 5.30 11.58
N9 A23 B 76 -19.05 4.50 12.73
C8 A23 B 76 -18.20 4.99 13.68
N7 A23 B 76 -17.80 3.97 14.48
C5 A23 B 76 -18.35 2.86 14.02
C6 A23 B 76 -18.30 1.56 14.44
N6 A23 B 76 -17.58 1.22 15.53
N1 A23 B 76 -18.98 0.61 13.77
C2 A23 B 76 -19.72 0.93 12.70
N3 A23 B 76 -19.80 2.21 12.26
C4 A23 B 76 -19.12 3.18 12.91
PG GTP C 1 9.04 -18.27 -12.97
O1G GTP C 1 8.97 -17.45 -14.23
O2G GTP C 1 8.45 -19.66 -13.10
O3G GTP C 1 8.59 -17.52 -11.73
O3B GTP C 1 10.63 -18.50 -12.75
PB GTP C 1 11.24 -19.93 -12.30
O1B GTP C 1 12.62 -19.69 -11.73
O2B GTP C 1 10.21 -20.66 -11.47
O3A GTP C 1 11.42 -20.73 -13.69
PA GTP C 1 11.26 -20.04 -15.15
O1A GTP C 1 12.21 -20.75 -16.10
O2A GTP C 1 9.79 -19.98 -15.50
O5' GTP C 1 11.80 -18.52 -14.94
C5' GTP C 1 13.21 -18.23 -14.83
C4' GTP C 1 13.77 -17.68 -16.16
O4' GTP C 1 12.71 -17.06 -16.96
C3' GTP C 1 14.83 -16.59 -15.94
O3' GTP C 1 15.94 -16.74 -16.89
C2' GTP C 1 14.08 -15.29 -16.21
O2' GTP C 1 14.92 -14.22 -16.64
C1' GTP C 1 13.10 -15.70 -17.29
N9 GTP C 1 11.92 -14.79 -17.38
C8 GTP C 1 11.06 -14.47 -16.38
N7 GTP C 1 10.08 -13.65 -16.87
C5 GTP C 1 10.31 -13.45 -18.17
C6 GTP C 1 9.65 -12.69 -19.24
O6 GTP C 1 8.62 -12.03 -19.01
N1 GTP C 1 10.16 -12.72 -20.47
C2 GTP C 1 11.29 -13.43 -20.74
N2 GTP C 1 11.78 -13.43 -21.99
N3 GTP C 1 11.94 -14.17 -19.77
C4 GTP C 1 11.50 -14.19 -18.50
PC A23 C 76 26.32 -57.11 -41.62
O1C A23 C 76 25.23 -57.76 -40.52
O2C A23 C 76 26.20 -57.88 -43.09
P A23 C 76 32.01 -54.41 -37.63
OP1 A23 C 76 33.14 -53.92 -38.78
OP2 A23 C 76 32.29 -56.02 -37.23
O5' A23 C 76 30.43 -54.25 -38.34
C5' A23 C 76 30.26 -55.10 -39.46
C4' A23 C 76 28.78 -55.49 -39.57
O4' A23 C 76 27.95 -54.37 -39.17
C3' A23 C 76 28.38 -55.87 -40.99
O3' A23 C 76 27.87 -57.22 -41.03
C2' A23 C 76 27.31 -54.85 -41.43
O2' A23 C 76 26.08 -55.49 -41.80
C1' A23 C 76 27.09 -53.93 -40.24
N9 A23 C 76 27.43 -52.54 -40.62
C8 A23 C 76 28.30 -51.74 -39.99
N7 A23 C 76 28.34 -50.55 -40.65
C5 A23 C 76 27.49 -50.63 -41.68
C6 A23 C 76 27.13 -49.74 -42.67
N6 A23 C 76 27.69 -48.50 -42.70
N1 A23 C 76 26.24 -50.11 -43.62
C2 A23 C 76 25.69 -51.35 -43.60
N3 A23 C 76 26.03 -52.23 -42.64
C4 A23 C 76 26.93 -51.88 -41.67
#